data_5SQA
#
_entry.id   5SQA
#
_cell.length_a   88.747
_cell.length_b   88.747
_cell.length_c   39.369
_cell.angle_alpha   90.000
_cell.angle_beta   90.000
_cell.angle_gamma   90.000
#
_symmetry.space_group_name_H-M   'P 43'
#
loop_
_entity.id
_entity.type
_entity.pdbx_description
1 polymer 'Non-structural protein 3'
2 non-polymer '(1R,2R)-4-hydroxy-1-[(3-oxo-3,4-dihydro-2H-1,4-benzoxazine-7-carbonyl)amino]-2,3-dihydro-1H-indene-2-carboxylic acid'
3 non-polymer '(1S,2S)-4-hydroxy-1-[(3-oxo-3,4-dihydro-2H-1,4-benzoxazine-7-carbonyl)amino]-2,3-dihydro-1H-indene-2-carboxylic acid'
4 water water
#
_entity_poly.entity_id   1
_entity_poly.type   'polypeptide(L)'
_entity_poly.pdbx_seq_one_letter_code
;SMVNSFSGYLKLTDNVYIKNADIVEEAKKVKPTVVVNAANVYLKHGGGVAGALNKATNNAMQVESDDYIATNGPLKVGGS
CVLSGHNLAKHCLHVVGPNVNKGEDIQLLKSAYENFNQHEVLLAPLLSAGIFGADPIHSLRVCVDTVRTNVYLAVFDKNL
YDKLVSSFL
;
_entity_poly.pdbx_strand_id   A,B
#
loop_
_chem_comp.id
_chem_comp.type
_chem_comp.name
_chem_comp.formula
QNF non-polymer '(1R,2R)-4-hydroxy-1-[(3-oxo-3,4-dihydro-2H-1,4-benzoxazine-7-carbonyl)amino]-2,3-dihydro-1H-indene-2-carboxylic acid' 'C19 H16 N2 O6'
QNV non-polymer '(1S,2S)-4-hydroxy-1-[(3-oxo-3,4-dihydro-2H-1,4-benzoxazine-7-carbonyl)amino]-2,3-dihydro-1H-indene-2-carboxylic acid' 'C19 H16 N2 O6'
#
# COMPACT_ATOMS: atom_id res chain seq x y z
N VAL A 3 -10.91 11.41 -18.99
N VAL A 3 -11.02 11.47 -18.79
CA VAL A 3 -12.32 11.44 -18.60
CA VAL A 3 -12.38 11.53 -18.33
C VAL A 3 -12.75 10.06 -18.11
C VAL A 3 -12.85 10.14 -17.89
N ASN A 4 -13.45 10.04 -16.98
N ASN A 4 -13.53 10.06 -16.74
CA ASN A 4 -14.01 8.79 -16.43
CA ASN A 4 -14.13 8.83 -16.21
C ASN A 4 -15.49 9.01 -16.09
C ASN A 4 -15.63 9.06 -15.98
N SER A 5 -16.12 7.94 -15.62
N SER A 5 -16.30 8.08 -15.37
CA SER A 5 -17.58 7.88 -15.48
CA SER A 5 -17.75 7.99 -15.27
C SER A 5 -18.07 8.31 -14.09
C SER A 5 -18.30 8.30 -13.87
N PHE A 6 -17.17 8.68 -13.18
N PHE A 6 -17.46 8.65 -12.91
CA PHE A 6 -17.61 9.10 -11.86
CA PHE A 6 -17.92 9.05 -11.59
C PHE A 6 -18.33 10.44 -11.94
C PHE A 6 -18.69 10.38 -11.67
N SER A 7 -19.51 10.53 -11.31
N SER A 7 -19.85 10.46 -11.00
CA SER A 7 -20.39 11.67 -11.47
CA SER A 7 -20.76 11.60 -11.13
C SER A 7 -20.78 12.23 -10.11
C SER A 7 -21.05 12.26 -9.77
N GLY A 8 -20.90 13.56 -10.03
N GLY A 8 -20.99 13.60 -9.74
CA GLY A 8 -21.40 14.20 -8.83
CA GLY A 8 -21.35 14.38 -8.56
C GLY A 8 -20.42 14.35 -7.70
C GLY A 8 -20.35 14.35 -7.44
N TYR A 9 -19.13 14.17 -7.94
N TYR A 9 -19.12 13.96 -7.72
CA TYR A 9 -18.12 14.29 -6.91
CA TYR A 9 -18.07 14.01 -6.71
C TYR A 9 -17.69 15.74 -6.74
C TYR A 9 -17.54 15.44 -6.60
N LEU A 10 -17.39 16.10 -5.49
N LEU A 10 -17.34 15.89 -5.37
CA LEU A 10 -16.72 17.35 -5.19
CA LEU A 10 -16.77 17.20 -5.08
C LEU A 10 -15.23 17.09 -5.24
C LEU A 10 -15.26 17.07 -5.17
N LYS A 11 -14.49 18.00 -5.88
N LYS A 11 -14.61 17.94 -5.97
CA LYS A 11 -13.05 17.88 -6.05
CA LYS A 11 -13.14 17.93 -6.11
C LYS A 11 -12.34 18.50 -4.87
C LYS A 11 -12.55 18.51 -4.82
N LEU A 12 -11.57 17.69 -4.12
N LEU A 12 -11.78 17.69 -4.09
CA LEU A 12 -10.85 18.22 -2.98
CA LEU A 12 -11.10 18.17 -2.89
C LEU A 12 -9.44 18.68 -3.32
C LEU A 12 -9.68 18.65 -3.17
N THR A 13 -8.75 17.92 -4.16
N THR A 13 -8.95 17.89 -3.99
CA THR A 13 -7.38 18.23 -4.56
CA THR A 13 -7.57 18.18 -4.35
C THR A 13 -7.22 17.84 -6.02
C THR A 13 -7.39 17.83 -5.83
N ASP A 14 -5.98 17.89 -6.50
N ASP A 14 -6.15 17.92 -6.32
CA ASP A 14 -5.69 17.44 -7.85
CA ASP A 14 -5.83 17.49 -7.67
C ASP A 14 -6.18 16.02 -8.07
C ASP A 14 -6.37 16.11 -7.97
N ASN A 15 -6.27 15.18 -7.01
CA ASN A 15 -6.51 13.76 -7.24
C ASN A 15 -7.56 13.11 -6.34
N VAL A 16 -8.13 13.83 -5.38
CA VAL A 16 -9.08 13.26 -4.42
C VAL A 16 -10.44 13.95 -4.59
N TYR A 17 -11.47 13.12 -4.70
CA TYR A 17 -12.85 13.52 -4.91
C TYR A 17 -13.72 12.82 -3.86
N ILE A 18 -14.86 13.43 -3.50
CA ILE A 18 -15.68 12.91 -2.40
C ILE A 18 -17.17 13.09 -2.69
N LYS A 19 -17.96 12.11 -2.31
N LYS A 19 -17.98 12.14 -2.20
CA LYS A 19 -19.35 12.17 -2.68
CA LYS A 19 -19.43 12.19 -2.37
C LYS A 19 -20.12 11.46 -1.59
C LYS A 19 -20.11 11.47 -1.20
N ASN A 20 -21.25 12.03 -1.22
N ASN A 20 -21.32 11.94 -0.84
CA ASN A 20 -22.14 11.36 -0.29
CA ASN A 20 -22.17 11.25 0.14
C ASN A 20 -22.83 10.24 -1.06
C ASN A 20 -22.97 10.18 -0.61
N ALA A 21 -22.39 9.01 -0.87
N ALA A 21 -22.57 8.91 -0.51
CA ALA A 21 -22.92 7.91 -1.66
CA ALA A 21 -23.21 7.86 -1.28
C ALA A 21 -22.71 6.60 -0.94
C ALA A 21 -22.90 6.51 -0.65
N ASP A 22 -23.58 5.65 -1.24
N ASP A 22 -23.76 5.52 -0.95
CA ASP A 22 -23.44 4.27 -0.79
CA ASP A 22 -23.49 4.12 -0.61
C ASP A 22 -22.45 3.57 -1.70
C ASP A 22 -22.52 3.52 -1.61
N ILE A 23 -21.33 3.10 -1.12
CA ILE A 23 -20.27 2.55 -1.98
C ILE A 23 -20.76 1.37 -2.81
N VAL A 24 -21.74 0.63 -2.30
N VAL A 24 -21.65 0.55 -2.24
CA VAL A 24 -22.30 -0.50 -3.03
CA VAL A 24 -22.23 -0.60 -2.95
C VAL A 24 -23.06 -0.02 -4.27
C VAL A 24 -22.98 -0.11 -4.20
N GLU A 25 -23.91 0.99 -4.09
N GLU A 25 -23.84 0.90 -4.01
CA GLU A 25 -24.70 1.51 -5.21
CA GLU A 25 -24.57 1.52 -5.11
C GLU A 25 -23.82 2.23 -6.21
C GLU A 25 -23.62 2.12 -6.14
N GLU A 26 -22.77 2.90 -5.74
N GLU A 26 -22.65 2.89 -5.66
CA GLU A 26 -21.84 3.56 -6.65
CA GLU A 26 -21.69 3.51 -6.57
C GLU A 26 -21.10 2.52 -7.48
C GLU A 26 -20.94 2.45 -7.37
N ALA A 27 -20.61 1.45 -6.84
N ALA A 27 -20.57 1.33 -6.73
CA ALA A 27 -19.88 0.43 -7.59
CA ALA A 27 -19.92 0.25 -7.47
C ALA A 27 -20.78 -0.21 -8.64
C ALA A 27 -20.88 -0.34 -8.50
N LYS A 28 -22.01 -0.55 -8.28
N LYS A 28 -22.14 -0.56 -8.11
CA LYS A 28 -22.91 -1.20 -9.22
CA LYS A 28 -23.10 -1.17 -9.04
C LYS A 28 -23.19 -0.32 -10.43
C LYS A 28 -23.33 -0.29 -10.27
N LYS A 29 -23.20 0.99 -10.25
N LYS A 29 -23.32 1.03 -10.11
CA LYS A 29 -23.51 1.90 -11.34
CA LYS A 29 -23.61 1.97 -11.19
C LYS A 29 -22.30 2.21 -12.18
C LYS A 29 -22.37 2.21 -12.09
N VAL A 30 -21.19 2.40 -11.50
CA VAL A 30 -19.97 2.77 -12.22
C VAL A 30 -19.24 1.53 -12.74
N LYS A 31 -19.25 0.42 -12.00
CA LYS A 31 -18.45 -0.75 -12.31
C LYS A 31 -17.00 -0.32 -12.50
N PRO A 32 -16.41 0.29 -11.47
CA PRO A 32 -15.04 0.80 -11.57
C PRO A 32 -14.07 -0.36 -11.76
N THR A 33 -12.89 -0.02 -12.27
CA THR A 33 -11.80 -0.98 -12.34
C THR A 33 -11.46 -1.54 -10.96
N VAL A 34 -11.44 -0.68 -9.94
CA VAL A 34 -11.08 -1.07 -8.58
C VAL A 34 -12.06 -0.46 -7.59
N VAL A 35 -12.69 -1.31 -6.78
CA VAL A 35 -13.37 -0.88 -5.56
C VAL A 35 -12.53 -1.33 -4.37
N VAL A 36 -12.34 -0.44 -3.40
CA VAL A 36 -11.60 -0.76 -2.18
C VAL A 36 -12.58 -1.26 -1.13
N ASN A 37 -12.22 -2.38 -0.50
CA ASN A 37 -12.91 -2.88 0.68
C ASN A 37 -12.15 -2.53 1.93
N ALA A 38 -12.89 -2.11 2.96
CA ALA A 38 -12.38 -1.90 4.32
C ALA A 38 -12.32 -3.26 5.02
N ALA A 39 -11.26 -4.00 4.74
CA ALA A 39 -11.10 -5.37 5.17
C ALA A 39 -10.45 -5.47 6.54
N ASN A 40 -10.54 -6.67 7.13
CA ASN A 40 -9.70 -7.07 8.25
C ASN A 40 -8.72 -8.15 7.77
N VAL A 41 -7.75 -8.49 8.63
CA VAL A 41 -6.67 -9.37 8.21
C VAL A 41 -7.14 -10.77 7.84
N TYR A 42 -8.31 -11.18 8.34
CA TYR A 42 -8.88 -12.49 8.08
C TYR A 42 -9.81 -12.50 6.88
N LEU A 43 -10.02 -11.34 6.27
CA LEU A 43 -11.02 -11.17 5.21
C LEU A 43 -12.36 -11.73 5.63
N LYS A 44 -12.77 -11.47 6.88
N LYS A 44 -12.72 -11.50 6.89
CA LYS A 44 -14.11 -11.81 7.38
CA LYS A 44 -14.04 -11.88 7.39
C LYS A 44 -14.98 -10.58 7.19
C LYS A 44 -14.96 -10.67 7.23
N HIS A 45 -15.88 -10.64 6.22
N HIS A 45 -15.79 -10.68 6.18
CA HIS A 45 -16.62 -9.46 5.78
CA HIS A 45 -16.60 -9.53 5.78
C HIS A 45 -17.98 -9.42 6.47
C HIS A 45 -17.93 -9.57 6.51
N GLY A 46 -17.95 -9.13 7.76
N GLY A 46 -17.96 -9.01 7.72
CA GLY A 46 -19.14 -9.27 8.58
CA GLY A 46 -19.14 -9.10 8.55
C GLY A 46 -20.03 -8.05 8.67
C GLY A 46 -19.98 -7.83 8.59
N GLY A 47 -19.45 -6.85 8.60
N GLY A 47 -19.36 -6.66 8.66
CA GLY A 47 -20.20 -5.64 8.84
CA GLY A 47 -20.11 -5.44 8.85
C GLY A 47 -19.46 -4.45 8.24
C GLY A 47 -19.45 -4.27 8.14
N GLY A 48 -20.04 -3.27 8.48
N GLY A 48 -20.13 -3.11 8.17
CA GLY A 48 -19.49 -2.07 7.89
CA GLY A 48 -19.55 -1.93 7.52
C GLY A 48 -19.46 -2.19 6.38
C GLY A 48 -19.46 -2.12 6.02
N VAL A 49 -18.51 -1.49 5.76
N VAL A 49 -18.49 -1.42 5.41
CA VAL A 49 -18.38 -1.53 4.31
CA VAL A 49 -18.24 -1.55 3.97
C VAL A 49 -18.19 -2.96 3.82
C VAL A 49 -18.12 -3.02 3.57
N ALA A 50 -17.37 -3.75 4.51
N ALA A 50 -17.26 -3.76 4.27
CA ALA A 50 -17.09 -5.11 4.04
CA ALA A 50 -16.99 -5.16 3.96
C ALA A 50 -18.33 -5.98 4.05
C ALA A 50 -18.25 -6.01 3.95
N GLY A 51 -19.11 -5.90 5.12
N GLY A 51 -19.06 -5.92 5.01
CA GLY A 51 -20.35 -6.67 5.16
CA GLY A 51 -20.30 -6.66 5.06
C GLY A 51 -21.29 -6.28 4.05
C GLY A 51 -21.26 -6.26 3.95
N ALA A 52 -21.37 -4.97 3.75
N ALA A 52 -21.36 -4.96 3.68
CA ALA A 52 -22.25 -4.50 2.69
CA ALA A 52 -22.29 -4.45 2.67
C ALA A 52 -21.76 -4.95 1.32
C ALA A 52 -21.86 -4.89 1.26
N LEU A 53 -20.46 -4.78 1.03
N LEU A 53 -20.57 -4.77 0.94
CA LEU A 53 -19.95 -5.21 -0.27
CA LEU A 53 -20.11 -5.24 -0.36
C LEU A 53 -20.15 -6.70 -0.48
C LEU A 53 -20.29 -6.75 -0.48
N ASN A 54 -19.89 -7.49 0.55
CA ASN A 54 -20.01 -8.94 0.46
C ASN A 54 -21.46 -9.36 0.24
N LYS A 55 -22.38 -8.72 0.98
N LYS A 55 -22.41 -8.76 0.97
CA LYS A 55 -23.79 -9.00 0.80
CA LYS A 55 -23.84 -9.07 0.77
C LYS A 55 -24.22 -8.78 -0.64
C LYS A 55 -24.23 -8.81 -0.67
N ALA A 56 -23.74 -7.70 -1.23
CA ALA A 56 -24.10 -7.36 -2.60
C ALA A 56 -23.56 -8.36 -3.62
N THR A 57 -22.50 -9.11 -3.27
CA THR A 57 -21.99 -10.20 -4.11
C THR A 57 -22.64 -11.54 -3.82
N ASN A 58 -23.68 -11.57 -2.99
CA ASN A 58 -24.37 -12.82 -2.68
C ASN A 58 -23.39 -13.79 -1.98
N ASN A 59 -22.45 -13.26 -1.19
CA ASN A 59 -21.45 -14.01 -0.42
C ASN A 59 -20.32 -14.57 -1.29
N ALA A 60 -20.28 -14.28 -2.59
CA ALA A 60 -19.18 -14.78 -3.40
C ALA A 60 -17.85 -14.16 -2.97
N MET A 61 -17.86 -12.90 -2.54
CA MET A 61 -16.64 -12.29 -2.01
C MET A 61 -16.08 -13.09 -0.84
N GLN A 62 -16.96 -13.50 0.09
CA GLN A 62 -16.52 -14.27 1.26
C GLN A 62 -15.96 -15.63 0.84
N VAL A 63 -16.62 -16.31 -0.10
CA VAL A 63 -16.15 -17.62 -0.56
C VAL A 63 -14.75 -17.50 -1.16
N GLU A 64 -14.55 -16.51 -2.03
CA GLU A 64 -13.25 -16.28 -2.62
C GLU A 64 -12.22 -15.94 -1.56
N SER A 65 -12.61 -15.11 -0.60
CA SER A 65 -11.71 -14.68 0.47
C SER A 65 -11.27 -15.85 1.34
N ASP A 66 -12.19 -16.76 1.66
CA ASP A 66 -11.83 -17.90 2.51
C ASP A 66 -10.80 -18.78 1.81
N ASP A 67 -10.93 -18.96 0.49
CA ASP A 67 -9.92 -19.70 -0.24
C ASP A 67 -8.59 -18.95 -0.23
N TYR A 68 -8.61 -17.62 -0.37
CA TYR A 68 -7.37 -16.83 -0.31
C TYR A 68 -6.66 -17.03 1.01
N ILE A 69 -7.39 -16.94 2.13
CA ILE A 69 -6.78 -17.07 3.45
C ILE A 69 -6.26 -18.49 3.66
N ALA A 70 -7.04 -19.49 3.23
CA ALA A 70 -6.59 -20.88 3.38
C ALA A 70 -5.25 -21.11 2.67
N THR A 71 -5.02 -20.43 1.56
CA THR A 71 -3.76 -20.59 0.82
C THR A 71 -2.64 -19.71 1.38
N ASN A 72 -2.95 -18.46 1.71
CA ASN A 72 -1.92 -17.46 1.98
C ASN A 72 -1.79 -17.01 3.42
N GLY A 73 -2.74 -17.35 4.28
CA GLY A 73 -2.75 -16.83 5.64
C GLY A 73 -3.22 -15.38 5.67
N PRO A 74 -3.32 -14.84 6.87
CA PRO A 74 -3.87 -13.49 7.04
C PRO A 74 -3.02 -12.41 6.40
N LEU A 75 -3.69 -11.30 6.09
CA LEU A 75 -2.99 -10.08 5.72
C LEU A 75 -2.32 -9.46 6.94
N LYS A 76 -1.50 -8.45 6.68
CA LYS A 76 -0.95 -7.55 7.70
C LYS A 76 -1.87 -6.36 7.87
N VAL A 77 -1.94 -5.82 9.09
CA VAL A 77 -2.55 -4.50 9.26
C VAL A 77 -1.70 -3.50 8.50
N GLY A 78 -2.33 -2.72 7.63
CA GLY A 78 -1.65 -1.83 6.72
C GLY A 78 -1.46 -2.44 5.34
N GLY A 79 -1.75 -3.74 5.19
CA GLY A 79 -1.55 -4.43 3.93
C GLY A 79 -2.82 -4.56 3.10
N SER A 80 -2.70 -5.30 1.99
CA SER A 80 -3.80 -5.43 1.04
C SER A 80 -3.60 -6.65 0.17
N CYS A 81 -4.68 -7.04 -0.50
CA CYS A 81 -4.59 -8.00 -1.59
C CYS A 81 -5.63 -7.63 -2.64
N VAL A 82 -5.36 -8.02 -3.88
CA VAL A 82 -6.28 -7.82 -4.99
C VAL A 82 -7.03 -9.11 -5.25
N LEU A 83 -8.35 -9.07 -5.17
CA LEU A 83 -9.19 -10.19 -5.53
C LEU A 83 -10.22 -9.73 -6.55
N SER A 84 -11.15 -10.61 -6.90
CA SER A 84 -12.19 -10.26 -7.86
C SER A 84 -13.10 -9.16 -7.32
N GLY A 85 -13.61 -8.32 -8.22
CA GLY A 85 -14.68 -7.38 -7.89
C GLY A 85 -16.06 -7.96 -8.07
N HIS A 86 -16.18 -9.20 -8.52
CA HIS A 86 -17.49 -9.88 -8.66
C HIS A 86 -18.40 -9.02 -9.51
N ASN A 87 -19.62 -8.78 -9.10
CA ASN A 87 -20.60 -8.01 -9.85
C ASN A 87 -20.47 -6.50 -9.61
N LEU A 88 -19.51 -6.08 -8.80
CA LEU A 88 -19.39 -4.68 -8.38
C LEU A 88 -18.31 -3.90 -9.11
N ALA A 89 -17.25 -4.55 -9.58
CA ALA A 89 -16.06 -3.89 -10.12
C ALA A 89 -15.23 -4.98 -10.81
N LYS A 90 -14.20 -4.59 -11.58
N LYS A 90 -14.23 -4.56 -11.57
CA LYS A 90 -13.29 -5.59 -12.12
CA LYS A 90 -13.33 -5.55 -12.12
C LYS A 90 -12.52 -6.27 -11.01
C LYS A 90 -12.57 -6.25 -11.00
N HIS A 91 -11.97 -5.46 -10.11
CA HIS A 91 -11.16 -5.92 -9.00
C HIS A 91 -11.65 -5.30 -7.71
N CYS A 92 -11.44 -6.04 -6.62
CA CYS A 92 -11.57 -5.47 -5.27
C CYS A 92 -10.21 -5.46 -4.62
N LEU A 93 -9.75 -4.28 -4.22
CA LEU A 93 -8.57 -4.13 -3.40
C LEU A 93 -8.98 -4.16 -1.93
N HIS A 94 -8.70 -5.27 -1.26
CA HIS A 94 -8.99 -5.42 0.16
C HIS A 94 -7.85 -4.78 0.94
N VAL A 95 -8.12 -3.69 1.64
CA VAL A 95 -7.11 -2.94 2.38
C VAL A 95 -7.45 -2.97 3.86
N VAL A 96 -6.46 -3.30 4.69
CA VAL A 96 -6.63 -3.39 6.14
C VAL A 96 -6.10 -2.11 6.77
N GLY A 97 -7.01 -1.20 7.13
N GLY A 97 -7.00 -1.20 7.11
CA GLY A 97 -6.66 -0.11 8.01
CA GLY A 97 -6.66 -0.05 7.90
C GLY A 97 -6.63 -0.59 9.46
C GLY A 97 -6.60 -0.48 9.36
N PRO A 98 -5.93 0.14 10.32
N PRO A 98 -5.83 0.21 10.20
CA PRO A 98 -5.97 -0.18 11.75
CA PRO A 98 -5.85 -0.11 11.63
C PRO A 98 -7.37 -0.02 12.34
C PRO A 98 -7.24 0.07 12.23
N ASN A 99 -7.74 -0.94 13.21
N ASN A 99 -7.67 -0.91 13.04
CA ASN A 99 -9.02 -0.89 13.92
CA ASN A 99 -8.98 -0.86 13.73
C ASN A 99 -8.76 -0.38 15.34
C ASN A 99 -8.75 -0.41 15.17
N VAL A 100 -9.15 0.88 15.59
N VAL A 100 -9.04 0.86 15.44
CA VAL A 100 -8.93 1.49 16.89
CA VAL A 100 -8.84 1.47 16.77
C VAL A 100 -9.64 0.69 17.99
C VAL A 100 -9.57 0.66 17.85
N ASN A 101 -10.77 0.08 17.66
N ASN A 101 -10.79 0.21 17.57
CA ASN A 101 -11.46 -0.74 18.64
CA ASN A 101 -11.59 -0.49 18.60
C ASN A 101 -10.75 -2.08 18.89
C ASN A 101 -11.03 -1.86 18.96
N LYS A 102 -9.61 -2.33 18.24
N LYS A 102 -10.12 -2.41 18.15
CA LYS A 102 -8.71 -3.41 18.59
CA LYS A 102 -9.38 -3.64 18.39
C LYS A 102 -7.37 -2.91 19.14
C LYS A 102 -8.03 -3.36 19.04
N GLY A 103 -7.19 -1.60 19.27
N GLY A 103 -7.68 -2.08 19.23
CA GLY A 103 -5.95 -1.06 19.79
CA GLY A 103 -6.42 -1.67 19.85
C GLY A 103 -4.81 -0.95 18.81
C GLY A 103 -5.22 -1.62 18.91
N GLU A 104 -5.09 -0.97 17.52
N GLU A 104 -5.42 -1.39 17.62
CA GLU A 104 -4.05 -0.98 16.50
CA GLU A 104 -4.34 -1.33 16.62
C GLU A 104 -3.53 0.42 16.22
C GLU A 104 -3.80 0.10 16.43
N ASP A 105 -2.25 0.49 15.86
N ASP A 105 -2.52 0.20 16.02
CA ASP A 105 -1.54 1.76 15.81
CA ASP A 105 -1.79 1.47 15.96
C ASP A 105 -2.06 2.60 14.64
C ASP A 105 -2.28 2.33 14.78
N ILE A 106 -2.52 3.81 14.95
N ILE A 106 -2.87 3.49 15.09
CA ILE A 106 -3.13 4.67 13.92
CA ILE A 106 -3.37 4.42 14.08
C ILE A 106 -2.12 5.11 12.89
C ILE A 106 -2.28 4.88 13.10
N GLN A 107 -0.83 5.11 13.23
N GLN A 107 -0.99 4.86 13.52
CA GLN A 107 0.19 5.39 12.24
CA GLN A 107 0.11 5.23 12.62
C GLN A 107 0.13 4.35 11.15
C GLN A 107 0.13 4.37 11.36
N LEU A 108 -0.45 3.17 11.42
CA LEU A 108 -0.51 2.25 10.29
C LEU A 108 -1.47 2.72 9.21
N LEU A 109 -2.24 3.79 9.47
CA LEU A 109 -3.19 4.26 8.48
C LEU A 109 -2.50 4.74 7.21
N LYS A 110 -1.35 5.42 7.34
CA LYS A 110 -0.64 5.88 6.15
C LYS A 110 -0.20 4.69 5.29
N SER A 111 0.35 3.65 5.92
CA SER A 111 0.74 2.45 5.19
C SER A 111 -0.44 1.86 4.45
N ALA A 112 -1.61 1.83 5.09
CA ALA A 112 -2.80 1.29 4.45
C ALA A 112 -3.14 2.07 3.19
N TYR A 113 -3.16 3.41 3.28
CA TYR A 113 -3.45 4.23 2.10
C TYR A 113 -2.41 4.09 1.00
N GLU A 114 -1.15 3.77 1.34
CA GLU A 114 -0.13 3.63 0.29
C GLU A 114 -0.51 2.55 -0.72
N ASN A 115 -1.30 1.55 -0.30
CA ASN A 115 -1.73 0.52 -1.23
C ASN A 115 -2.51 1.11 -2.41
N PHE A 116 -3.20 2.23 -2.18
CA PHE A 116 -3.99 2.82 -3.27
C PHE A 116 -3.10 3.29 -4.42
N ASN A 117 -1.83 3.61 -4.15
CA ASN A 117 -0.94 4.15 -5.17
C ASN A 117 -0.58 3.13 -6.24
N GLN A 118 -0.92 1.86 -6.02
CA GLN A 118 -0.65 0.83 -7.02
C GLN A 118 -1.76 0.76 -8.08
N HIS A 119 -2.76 1.64 -8.00
CA HIS A 119 -3.91 1.63 -8.92
C HIS A 119 -4.20 3.05 -9.37
N GLU A 120 -4.40 3.21 -10.68
CA GLU A 120 -4.53 4.56 -11.25
C GLU A 120 -5.80 5.27 -10.80
N VAL A 121 -6.89 4.53 -10.66
CA VAL A 121 -8.18 5.09 -10.26
C VAL A 121 -8.88 4.09 -9.34
N LEU A 122 -9.50 4.59 -8.25
CA LEU A 122 -10.20 3.72 -7.31
C LEU A 122 -11.45 4.39 -6.78
N LEU A 123 -12.48 3.58 -6.55
CA LEU A 123 -13.63 3.92 -5.71
C LEU A 123 -13.33 3.37 -4.32
N ALA A 124 -13.41 4.21 -3.29
N ALA A 124 -13.42 4.22 -3.30
CA ALA A 124 -12.95 3.77 -1.98
CA ALA A 124 -12.92 3.75 -2.03
C ALA A 124 -13.79 4.39 -0.87
C ALA A 124 -13.65 4.37 -0.86
N PRO A 125 -13.84 3.73 0.29
N PRO A 125 -13.57 3.75 0.31
CA PRO A 125 -14.29 4.37 1.51
CA PRO A 125 -14.04 4.34 1.56
C PRO A 125 -13.09 4.99 2.24
C PRO A 125 -12.88 5.00 2.31
N LEU A 126 -13.40 5.79 3.24
N LEU A 126 -13.18 5.95 3.19
CA LEU A 126 -12.35 6.27 4.14
CA LEU A 126 -12.15 6.50 4.08
C LEU A 126 -11.86 5.14 5.03
C LEU A 126 -11.73 5.40 5.06
N LEU A 127 -10.58 4.83 4.94
N LEU A 127 -10.45 5.07 5.08
CA LEU A 127 -10.01 3.73 5.69
CA LEU A 127 -9.95 3.95 5.88
C LEU A 127 -10.02 4.03 7.18
C LEU A 127 -9.98 4.26 7.38
N SER A 128 -10.30 3.00 7.96
N SER A 128 -10.18 3.21 8.18
CA SER A 128 -10.34 3.02 9.41
CA SER A 128 -10.13 3.25 9.64
C SER A 128 -11.53 3.84 9.95
C SER A 128 -11.28 4.03 10.28
N ALA A 129 -12.41 4.34 9.09
N ALA A 129 -12.25 4.54 9.50
CA ALA A 129 -13.59 5.07 9.55
CA ALA A 129 -13.37 5.32 10.00
C ALA A 129 -14.69 4.07 9.95
C ALA A 129 -14.54 4.39 10.35
N GLY A 130 -15.86 4.60 10.29
N GLY A 130 -15.72 4.95 10.64
CA GLY A 130 -16.97 3.73 10.66
CA GLY A 130 -16.88 4.11 10.95
C GLY A 130 -16.61 2.84 11.83
C GLY A 130 -16.58 3.20 12.14
N ILE A 131 -16.96 1.56 11.72
N ILE A 131 -16.93 1.91 12.01
CA ILE A 131 -16.77 0.63 12.83
CA ILE A 131 -16.77 0.94 13.11
C ILE A 131 -15.31 0.34 13.13
C ILE A 131 -15.31 0.55 13.35
N PHE A 132 -14.37 0.83 12.31
N PHE A 132 -14.36 1.07 12.54
CA PHE A 132 -12.96 0.70 12.65
CA PHE A 132 -12.93 0.92 12.82
C PHE A 132 -12.50 1.74 13.65
C PHE A 132 -12.43 1.86 13.91
N GLY A 133 -13.32 2.74 13.95
N GLY A 133 -13.18 2.93 14.22
CA GLY A 133 -13.12 3.56 15.12
CA GLY A 133 -12.95 3.72 15.43
C GLY A 133 -12.22 4.77 15.00
C GLY A 133 -12.05 4.93 15.34
N ALA A 134 -11.62 5.04 13.84
N ALA A 134 -11.44 5.23 14.19
CA ALA A 134 -10.78 6.22 13.71
CA ALA A 134 -10.58 6.41 14.12
C ALA A 134 -11.62 7.43 13.38
C ALA A 134 -11.37 7.66 13.75
N ASP A 135 -11.02 8.61 13.57
N ASP A 135 -10.69 8.82 13.87
CA ASP A 135 -11.66 9.87 13.22
CA ASP A 135 -11.30 10.09 13.49
C ASP A 135 -11.69 10.01 11.70
C ASP A 135 -11.36 10.17 11.97
N PRO A 136 -12.85 10.09 11.05
N PRO A 136 -12.56 10.26 11.38
CA PRO A 136 -12.88 10.20 9.59
CA PRO A 136 -12.64 10.39 9.90
C PRO A 136 -12.21 11.46 9.05
C PRO A 136 -11.98 11.63 9.36
N ILE A 137 -12.23 12.56 9.79
N ILE A 137 -12.02 12.77 10.07
CA ILE A 137 -11.52 13.76 9.35
CA ILE A 137 -11.33 13.97 9.61
C ILE A 137 -10.03 13.47 9.22
C ILE A 137 -9.86 13.66 9.47
N HIS A 138 -9.46 12.77 10.20
N HIS A 138 -9.34 12.85 10.40
CA HIS A 138 -8.07 12.38 10.12
CA HIS A 138 -7.95 12.41 10.33
C HIS A 138 -7.82 11.42 8.97
C HIS A 138 -7.72 11.49 9.15
N SER A 139 -8.71 10.45 8.78
N SER A 139 -8.62 10.54 8.93
CA SER A 139 -8.54 9.52 7.67
CA SER A 139 -8.46 9.61 7.83
C SER A 139 -8.53 10.28 6.38
C SER A 139 -8.45 10.34 6.48
N LEU A 140 -9.35 11.32 6.30
CA LEU A 140 -9.36 12.08 5.06
C LEU A 140 -8.06 12.84 4.86
N ARG A 141 -7.53 13.42 5.91
N ARG A 141 -7.51 13.40 5.94
CA ARG A 141 -6.26 14.10 5.79
CA ARG A 141 -6.24 14.12 5.86
C ARG A 141 -5.15 13.15 5.36
C ARG A 141 -5.11 13.19 5.43
N VAL A 142 -5.04 12.00 6.05
CA VAL A 142 -4.01 11.03 5.66
C VAL A 142 -4.20 10.61 4.20
N CYS A 143 -5.46 10.38 3.79
CA CYS A 143 -5.72 10.02 2.40
C CYS A 143 -5.14 11.06 1.45
N VAL A 144 -5.50 12.34 1.67
CA VAL A 144 -5.08 13.41 0.77
C VAL A 144 -3.57 13.54 0.75
N ASP A 145 -2.93 13.32 1.89
CA ASP A 145 -1.49 13.49 2.03
C ASP A 145 -0.70 12.25 1.63
N THR A 146 -1.35 11.15 1.28
CA THR A 146 -0.66 9.88 0.97
C THR A 146 -0.96 9.37 -0.42
N VAL A 147 -2.22 9.41 -0.84
CA VAL A 147 -2.63 8.87 -2.13
C VAL A 147 -2.32 9.88 -3.21
N ARG A 148 -1.62 9.42 -4.25
CA ARG A 148 -1.27 10.24 -5.40
C ARG A 148 -2.07 9.89 -6.64
N THR A 149 -2.68 8.70 -6.67
CA THR A 149 -3.54 8.29 -7.76
C THR A 149 -4.95 8.85 -7.54
N ASN A 150 -5.83 8.63 -8.50
CA ASN A 150 -7.14 9.27 -8.47
C ASN A 150 -8.12 8.46 -7.65
N VAL A 151 -8.58 9.04 -6.55
CA VAL A 151 -9.44 8.34 -5.62
C VAL A 151 -10.77 9.07 -5.49
N TYR A 152 -11.85 8.29 -5.62
CA TYR A 152 -13.23 8.72 -5.50
C TYR A 152 -13.76 8.12 -4.21
N LEU A 153 -13.91 8.97 -3.19
CA LEU A 153 -14.31 8.54 -1.86
C LEU A 153 -15.82 8.63 -1.73
N ALA A 154 -16.41 7.51 -1.37
N ALA A 154 -16.46 7.47 -1.45
CA ALA A 154 -17.82 7.44 -1.11
CA ALA A 154 -17.89 7.41 -1.13
C ALA A 154 -18.01 7.48 0.40
C ALA A 154 -18.08 7.32 0.38
N VAL A 155 -18.80 8.44 0.87
N VAL A 155 -18.79 8.29 0.96
CA VAL A 155 -19.10 8.59 2.28
CA VAL A 155 -19.03 8.39 2.40
C VAL A 155 -20.59 8.34 2.45
C VAL A 155 -20.50 8.06 2.66
N PHE A 156 -20.93 7.28 3.19
N PHE A 156 -20.77 6.98 3.42
CA PHE A 156 -22.32 6.86 3.31
CA PHE A 156 -22.16 6.55 3.62
C PHE A 156 -23.17 7.88 4.05
C PHE A 156 -22.97 7.56 4.43
N ASP A 157 -22.65 8.41 5.16
N ASP A 157 -22.42 8.03 5.54
CA ASP A 157 -23.43 9.27 6.04
CA ASP A 157 -23.17 8.83 6.51
C ASP A 157 -23.41 10.71 5.53
C ASP A 157 -23.31 10.29 6.04
N LYS A 158 -24.59 11.27 5.24
N LYS A 158 -24.56 10.75 5.84
CA LYS A 158 -24.67 12.63 4.74
CA LYS A 158 -24.81 12.11 5.36
C LYS A 158 -24.15 13.63 5.76
C LYS A 158 -24.20 13.15 6.30
N ASN A 159 -24.52 13.46 7.03
N ASN A 159 -24.49 13.04 7.60
CA ASN A 159 -24.03 14.37 8.06
CA ASN A 159 -24.00 14.08 8.50
C ASN A 159 -22.51 14.37 8.11
C ASN A 159 -22.47 14.06 8.62
N LEU A 160 -21.89 13.19 8.02
N LEU A 160 -21.85 12.89 8.51
CA LEU A 160 -20.43 13.12 8.03
CA LEU A 160 -20.38 12.87 8.47
C LEU A 160 -19.84 13.73 6.76
C LEU A 160 -19.87 13.56 7.22
N TYR A 161 -20.45 13.45 5.60
N TYR A 161 -20.47 13.27 6.06
CA TYR A 161 -19.95 14.02 4.36
CA TYR A 161 -20.06 13.91 4.81
C TYR A 161 -19.88 15.55 4.47
C TYR A 161 -20.07 15.43 4.94
N ASP A 162 -20.95 16.17 4.97
N ASP A 162 -21.19 16.00 5.41
CA ASP A 162 -20.93 17.61 5.15
CA ASP A 162 -21.30 17.46 5.54
C ASP A 162 -19.91 18.01 6.24
C ASP A 162 -20.16 18.02 6.37
N LYS A 163 -19.80 17.29 7.40
CA LYS A 163 -18.73 17.70 8.34
C LYS A 163 -17.35 17.56 7.71
N LEU A 164 -17.11 16.48 6.95
CA LEU A 164 -15.82 16.32 6.29
C LEU A 164 -15.56 17.45 5.30
N VAL A 165 -16.57 17.82 4.51
CA VAL A 165 -16.40 18.92 3.56
C VAL A 165 -16.15 20.22 4.30
N SER A 166 -16.99 20.52 5.29
CA SER A 166 -16.92 21.82 5.94
C SER A 166 -15.62 21.99 6.72
N SER A 167 -14.98 20.90 7.17
CA SER A 167 -13.76 21.02 7.97
C SER A 167 -12.50 20.78 7.15
N PHE A 168 -12.60 20.56 5.84
CA PHE A 168 -11.43 20.17 5.06
C PHE A 168 -10.53 21.40 4.82
N LEU A 169 -9.20 21.26 4.94
N LEU A 169 -9.24 21.20 5.04
CA LEU A 169 -8.24 22.36 4.70
CA LEU A 169 -8.30 22.28 4.86
C LEU A 169 -7.59 22.16 3.33
C LEU A 169 -7.67 22.17 3.47
N SER B 1 19.36 -18.05 18.31
N SER B 1 19.25 -18.24 18.29
CA SER B 1 19.84 -17.68 16.97
CA SER B 1 19.71 -17.81 16.94
C SER B 1 19.80 -16.18 16.73
C SER B 1 19.64 -16.30 16.72
N MET B 2 20.73 -15.74 15.90
N MET B 2 20.56 -15.86 15.87
CA MET B 2 20.89 -14.32 15.57
CA MET B 2 20.87 -14.46 15.59
C MET B 2 20.32 -14.10 14.19
C MET B 2 20.32 -14.13 14.20
N VAL B 3 19.28 -13.30 14.14
CA VAL B 3 18.72 -12.77 12.90
C VAL B 3 18.68 -11.25 13.02
N ASN B 4 18.66 -10.58 11.87
CA ASN B 4 18.60 -9.12 11.83
C ASN B 4 19.67 -8.49 12.71
N SER B 5 20.89 -9.03 12.64
N SER B 5 20.90 -9.01 12.61
CA SER B 5 22.01 -8.54 13.44
CA SER B 5 22.02 -8.54 13.44
C SER B 5 22.83 -7.60 12.55
C SER B 5 22.85 -7.59 12.58
N PHE B 6 22.35 -6.35 12.46
CA PHE B 6 22.97 -5.32 11.64
C PHE B 6 24.01 -4.61 12.50
N SER B 7 25.24 -4.52 11.99
CA SER B 7 26.32 -3.84 12.69
C SER B 7 27.12 -2.94 11.76
N GLY B 8 27.68 -1.86 12.26
N GLY B 8 27.51 -1.79 12.34
CA GLY B 8 28.51 -1.00 11.46
CA GLY B 8 28.40 -0.82 11.71
C GLY B 8 27.77 -0.04 10.56
C GLY B 8 27.69 0.10 10.76
N TYR B 9 26.48 0.19 10.80
N TYR B 9 26.37 0.24 10.91
CA TYR B 9 25.71 1.14 10.01
CA TYR B 9 25.62 1.19 10.10
C TYR B 9 25.74 2.53 10.64
C TYR B 9 25.65 2.59 10.68
N LEU B 10 25.67 3.53 9.78
CA LEU B 10 25.60 4.95 10.11
C LEU B 10 24.14 5.36 10.04
N LYS B 11 23.73 6.03 11.10
N LYS B 11 23.64 5.97 11.13
CA LYS B 11 22.35 6.49 11.21
CA LYS B 11 22.27 6.45 11.22
C LYS B 11 22.15 7.76 10.40
C LYS B 11 22.14 7.72 10.40
N LEU B 12 21.21 7.74 9.45
CA LEU B 12 20.84 8.95 8.70
C LEU B 12 19.60 9.61 9.27
N THR B 13 18.57 8.83 9.57
CA THR B 13 17.36 9.29 10.24
C THR B 13 17.03 8.26 11.32
N ASP B 14 15.94 8.49 12.05
CA ASP B 14 15.53 7.54 13.08
C ASP B 14 15.25 6.15 12.52
N ASN B 15 15.00 6.02 11.21
CA ASN B 15 14.68 4.70 10.65
C ASN B 15 15.53 4.30 9.44
N VAL B 16 16.44 5.15 8.96
CA VAL B 16 17.25 4.84 7.78
C VAL B 16 18.71 4.81 8.16
N TYR B 17 19.37 3.71 7.83
CA TYR B 17 20.76 3.44 8.19
C TYR B 17 21.51 3.05 6.93
N ILE B 18 22.82 3.28 6.90
CA ILE B 18 23.59 3.06 5.67
C ILE B 18 24.97 2.53 6.01
N LYS B 19 25.50 1.67 5.12
CA LYS B 19 26.79 1.02 5.31
C LYS B 19 27.42 0.79 3.95
N ASN B 20 28.75 0.94 3.91
CA ASN B 20 29.55 0.58 2.74
C ASN B 20 29.77 -0.93 2.81
N ALA B 21 29.04 -1.70 2.00
CA ALA B 21 29.06 -3.15 2.11
C ALA B 21 28.50 -3.77 0.83
N ASP B 22 28.95 -5.00 0.58
CA ASP B 22 28.39 -5.90 -0.44
C ASP B 22 27.13 -6.54 0.13
N ILE B 23 25.98 -6.28 -0.51
CA ILE B 23 24.69 -6.71 0.05
C ILE B 23 24.59 -8.22 0.20
N VAL B 24 25.26 -8.99 -0.67
CA VAL B 24 25.26 -10.45 -0.53
C VAL B 24 26.02 -10.86 0.73
N GLU B 25 27.22 -10.33 0.90
CA GLU B 25 28.01 -10.62 2.11
C GLU B 25 27.27 -10.15 3.35
N GLU B 26 26.65 -8.97 3.28
CA GLU B 26 25.85 -8.46 4.40
C GLU B 26 24.71 -9.41 4.72
N ALA B 27 23.97 -9.85 3.70
CA ALA B 27 22.84 -10.75 3.95
C ALA B 27 23.30 -12.01 4.67
N LYS B 28 24.43 -12.59 4.24
CA LYS B 28 24.89 -13.83 4.84
C LYS B 28 25.31 -13.62 6.30
N LYS B 29 25.77 -12.43 6.62
N LYS B 29 25.83 -12.43 6.64
CA LYS B 29 26.22 -12.17 7.98
CA LYS B 29 26.28 -12.09 8.00
C LYS B 29 25.08 -11.74 8.89
C LYS B 29 25.10 -11.73 8.90
N VAL B 30 24.23 -10.82 8.42
CA VAL B 30 23.13 -10.25 9.21
C VAL B 30 22.00 -11.23 9.43
N LYS B 31 21.81 -12.16 8.49
N LYS B 31 21.80 -12.12 8.50
CA LYS B 31 20.67 -13.06 8.49
CA LYS B 31 20.69 -13.07 8.51
C LYS B 31 19.35 -12.29 8.62
C LYS B 31 19.36 -12.31 8.60
N PRO B 32 19.05 -11.43 7.64
CA PRO B 32 17.84 -10.60 7.75
C PRO B 32 16.57 -11.39 7.46
N THR B 33 15.47 -10.94 8.06
CA THR B 33 14.16 -11.46 7.68
C THR B 33 13.86 -11.15 6.22
N VAL B 34 14.25 -9.95 5.76
CA VAL B 34 13.93 -9.51 4.41
C VAL B 34 15.16 -8.90 3.77
N VAL B 35 15.55 -9.41 2.59
CA VAL B 35 16.48 -8.70 1.72
C VAL B 35 15.70 -8.21 0.51
N VAL B 36 15.93 -6.96 0.12
CA VAL B 36 15.27 -6.38 -1.05
C VAL B 36 16.11 -6.63 -2.29
N ASN B 37 15.44 -7.07 -3.36
CA ASN B 37 16.06 -7.16 -4.67
C ASN B 37 15.63 -5.98 -5.53
N ALA B 38 16.59 -5.44 -6.27
CA ALA B 38 16.37 -4.43 -7.31
C ALA B 38 15.88 -5.14 -8.57
N ALA B 39 14.59 -5.48 -8.57
CA ALA B 39 13.99 -6.33 -9.58
C ALA B 39 13.48 -5.54 -10.78
N ASN B 40 13.17 -6.27 -11.85
CA ASN B 40 12.41 -5.76 -12.98
C ASN B 40 11.08 -6.54 -13.06
N VAL B 41 10.19 -6.09 -13.95
CA VAL B 41 8.79 -6.58 -13.90
C VAL B 41 8.70 -8.07 -14.22
N TYR B 42 9.62 -8.63 -14.99
CA TYR B 42 9.59 -10.05 -15.31
C TYR B 42 10.55 -10.87 -14.43
N LEU B 43 11.10 -10.25 -13.38
CA LEU B 43 11.96 -10.95 -12.42
C LEU B 43 13.08 -11.69 -13.16
N LYS B 44 13.69 -11.02 -14.14
CA LYS B 44 14.84 -11.55 -14.86
C LYS B 44 16.09 -10.96 -14.22
N HIS B 45 16.78 -11.78 -13.45
CA HIS B 45 17.83 -11.31 -12.54
C HIS B 45 19.19 -11.35 -13.22
N GLY B 46 19.38 -10.42 -14.17
CA GLY B 46 20.56 -10.47 -15.02
C GLY B 46 21.79 -9.76 -14.47
N GLY B 47 21.61 -8.53 -14.01
CA GLY B 47 22.73 -7.64 -13.76
C GLY B 47 22.61 -6.96 -12.40
N GLY B 48 23.65 -6.22 -12.03
CA GLY B 48 23.60 -5.45 -10.80
C GLY B 48 23.25 -6.29 -9.59
N VAL B 49 22.46 -5.71 -8.70
CA VAL B 49 22.08 -6.37 -7.45
C VAL B 49 21.37 -7.70 -7.74
N ALA B 50 20.41 -7.69 -8.67
CA ALA B 50 19.63 -8.89 -8.91
C ALA B 50 20.50 -10.03 -9.40
N GLY B 51 21.44 -9.74 -10.30
CA GLY B 51 22.37 -10.76 -10.77
C GLY B 51 23.19 -11.33 -9.63
N ALA B 52 23.66 -10.46 -8.74
CA ALA B 52 24.47 -10.92 -7.63
C ALA B 52 23.66 -11.77 -6.64
N LEU B 53 22.45 -11.33 -6.30
CA LEU B 53 21.63 -12.12 -5.40
C LEU B 53 21.32 -13.49 -6.02
N ASN B 54 20.92 -13.49 -7.29
CA ASN B 54 20.57 -14.76 -7.93
C ASN B 54 21.77 -15.70 -7.98
N LYS B 55 22.95 -15.16 -8.33
CA LYS B 55 24.15 -15.99 -8.37
C LYS B 55 24.43 -16.61 -7.01
N ALA B 56 24.26 -15.84 -5.92
CA ALA B 56 24.51 -16.37 -4.59
C ALA B 56 23.59 -17.54 -4.27
N THR B 57 22.39 -17.55 -4.85
CA THR B 57 21.44 -18.65 -4.65
C THR B 57 21.66 -19.79 -5.63
N ASN B 58 22.73 -19.75 -6.42
CA ASN B 58 23.00 -20.79 -7.41
C ASN B 58 21.81 -20.95 -8.36
N ASN B 59 21.19 -19.82 -8.75
CA ASN B 59 20.10 -19.73 -9.72
C ASN B 59 18.76 -20.18 -9.16
N ALA B 60 18.67 -20.57 -7.88
CA ALA B 60 17.38 -20.98 -7.34
C ALA B 60 16.39 -19.82 -7.35
N MET B 61 16.87 -18.60 -7.13
CA MET B 61 15.98 -17.45 -7.17
C MET B 61 15.36 -17.29 -8.56
N GLN B 62 16.16 -17.47 -9.62
CA GLN B 62 15.63 -17.32 -10.97
C GLN B 62 14.59 -18.39 -11.29
N VAL B 63 14.86 -19.65 -10.90
CA VAL B 63 13.88 -20.72 -11.15
C VAL B 63 12.56 -20.41 -10.44
N GLU B 64 12.65 -20.01 -9.18
CA GLU B 64 11.46 -19.68 -8.41
C GLU B 64 10.73 -18.49 -9.04
N SER B 65 11.50 -17.50 -9.49
CA SER B 65 10.93 -16.30 -10.10
C SER B 65 10.20 -16.62 -11.40
N ASP B 66 10.78 -17.49 -12.23
CA ASP B 66 10.12 -17.82 -13.50
C ASP B 66 8.80 -18.54 -13.25
N ASP B 67 8.76 -19.40 -12.22
CA ASP B 67 7.51 -20.05 -11.86
C ASP B 67 6.49 -19.03 -11.35
N TYR B 68 6.92 -18.06 -10.53
CA TYR B 68 6.01 -17.01 -10.07
C TYR B 68 5.41 -16.27 -11.27
N ILE B 69 6.24 -15.91 -12.25
CA ILE B 69 5.75 -15.17 -13.42
C ILE B 69 4.77 -16.02 -14.22
N ALA B 70 5.05 -17.31 -14.38
CA ALA B 70 4.14 -18.16 -15.13
C ALA B 70 2.75 -18.15 -14.50
N THR B 71 2.70 -18.12 -13.17
CA THR B 71 1.43 -18.17 -12.45
C THR B 71 0.75 -16.81 -12.38
N ASN B 72 1.51 -15.74 -12.23
CA ASN B 72 0.98 -14.43 -11.85
C ASN B 72 1.16 -13.35 -12.90
N GLY B 73 2.02 -13.56 -13.90
CA GLY B 73 2.34 -12.50 -14.82
C GLY B 73 3.29 -11.48 -14.22
N PRO B 74 3.69 -10.50 -15.02
CA PRO B 74 4.69 -9.52 -14.58
C PRO B 74 4.15 -8.59 -13.50
N LEU B 75 5.08 -8.11 -12.68
CA LEU B 75 4.79 -7.06 -11.72
C LEU B 75 4.53 -5.74 -12.45
N LYS B 76 4.03 -4.77 -11.71
CA LYS B 76 3.95 -3.38 -12.15
C LYS B 76 5.23 -2.65 -11.74
N VAL B 77 5.68 -1.70 -12.58
CA VAL B 77 6.72 -0.78 -12.11
C VAL B 77 6.17 -0.05 -10.89
N GLY B 78 6.93 -0.04 -9.78
CA GLY B 78 6.47 0.48 -8.51
C GLY B 78 5.91 -0.57 -7.57
N GLY B 79 5.73 -1.80 -8.07
CA GLY B 79 5.18 -2.90 -7.29
C GLY B 79 6.26 -3.84 -6.76
N SER B 80 5.79 -4.90 -6.10
CA SER B 80 6.68 -5.85 -5.45
C SER B 80 6.00 -7.21 -5.30
N CYS B 81 6.83 -8.22 -5.01
CA CYS B 81 6.32 -9.49 -4.53
C CYS B 81 7.31 -10.06 -3.52
N VAL B 82 6.79 -10.90 -2.62
CA VAL B 82 7.60 -11.59 -1.61
C VAL B 82 7.82 -13.01 -2.08
N LEU B 83 9.08 -13.41 -2.20
CA LEU B 83 9.47 -14.79 -2.52
C LEU B 83 10.48 -15.25 -1.47
N SER B 84 11.00 -16.47 -1.64
CA SER B 84 11.99 -16.98 -0.69
C SER B 84 13.27 -16.17 -0.73
N GLY B 85 13.93 -16.10 0.42
CA GLY B 85 15.26 -15.55 0.52
C GLY B 85 16.38 -16.56 0.38
N HIS B 86 16.08 -17.85 0.19
CA HIS B 86 17.11 -18.87 -0.12
C HIS B 86 18.19 -18.85 0.96
N ASN B 87 19.45 -18.74 0.59
CA ASN B 87 20.56 -18.71 1.54
C ASN B 87 20.91 -17.29 1.98
N LEU B 88 20.07 -16.31 1.68
CA LEU B 88 20.35 -14.90 1.97
C LEU B 88 19.49 -14.33 3.09
N ALA B 89 18.26 -14.81 3.24
CA ALA B 89 17.28 -14.16 4.10
C ALA B 89 16.10 -15.10 4.22
N LYS B 90 15.21 -14.81 5.17
CA LYS B 90 13.96 -15.57 5.19
C LYS B 90 13.19 -15.32 3.91
N HIS B 91 13.05 -14.04 3.53
CA HIS B 91 12.30 -13.63 2.36
C HIS B 91 13.13 -12.69 1.51
N CYS B 92 12.87 -12.71 0.21
CA CYS B 92 13.33 -11.67 -0.68
C CYS B 92 12.12 -10.86 -1.15
N LEU B 93 12.15 -9.56 -0.90
CA LEU B 93 11.15 -8.63 -1.41
C LEU B 93 11.67 -8.09 -2.73
N HIS B 94 11.08 -8.54 -3.84
CA HIS B 94 11.46 -8.09 -5.17
C HIS B 94 10.70 -6.81 -5.46
N VAL B 95 11.41 -5.68 -5.54
CA VAL B 95 10.77 -4.38 -5.72
C VAL B 95 11.22 -3.80 -7.06
N VAL B 96 10.26 -3.32 -7.85
CA VAL B 96 10.56 -2.76 -9.17
C VAL B 96 10.56 -1.24 -9.07
N GLY B 97 11.75 -0.65 -9.06
CA GLY B 97 11.88 0.77 -9.23
C GLY B 97 11.92 1.09 -10.70
N PRO B 98 11.62 2.35 -11.06
CA PRO B 98 11.72 2.77 -12.46
C PRO B 98 13.17 2.72 -12.94
N ASN B 99 13.35 2.17 -14.15
CA ASN B 99 14.65 2.14 -14.84
C ASN B 99 14.73 3.33 -15.79
N VAL B 100 15.39 4.42 -15.35
CA VAL B 100 15.57 5.64 -16.15
C VAL B 100 16.35 5.34 -17.42
N ASN B 101 17.23 4.35 -17.40
N ASN B 101 17.25 4.33 -17.38
CA ASN B 101 17.92 3.97 -18.62
CA ASN B 101 18.00 3.91 -18.58
C ASN B 101 16.98 3.37 -19.65
C ASN B 101 17.10 3.24 -19.62
N LYS B 102 15.75 3.03 -19.26
N LYS B 102 15.86 2.94 -19.27
CA LYS B 102 14.73 2.54 -20.18
CA LYS B 102 14.85 2.48 -20.21
C LYS B 102 13.58 3.55 -20.34
C LYS B 102 13.72 3.50 -20.37
N GLY B 103 13.76 4.79 -19.93
N GLY B 103 13.95 4.73 -19.89
CA GLY B 103 12.77 5.81 -20.12
CA GLY B 103 13.04 5.84 -20.07
C GLY B 103 11.62 5.82 -19.14
C GLY B 103 11.83 5.83 -19.15
N GLU B 104 11.68 5.00 -18.09
N GLU B 104 11.86 5.06 -18.06
CA GLU B 104 10.57 4.89 -17.16
CA GLU B 104 10.71 4.94 -17.16
C GLU B 104 10.55 6.07 -16.20
C GLU B 104 10.64 6.17 -16.25
N ASP B 105 9.35 6.42 -15.73
N ASP B 105 9.45 6.44 -15.72
CA ASP B 105 9.16 7.66 -15.00
CA ASP B 105 9.22 7.68 -14.98
C ASP B 105 9.76 7.57 -13.59
C ASP B 105 9.80 7.55 -13.58
N ILE B 106 10.85 8.32 -13.31
CA ILE B 106 11.45 8.43 -11.98
C ILE B 106 10.41 8.75 -10.91
N GLN B 107 9.30 9.39 -11.28
CA GLN B 107 8.25 9.68 -10.31
C GLN B 107 7.69 8.42 -9.65
N LEU B 108 7.85 7.23 -10.27
CA LEU B 108 7.35 5.98 -9.68
C LEU B 108 8.24 5.44 -8.59
N LEU B 109 9.34 6.13 -8.30
CA LEU B 109 10.27 5.70 -7.27
C LEU B 109 9.63 5.76 -5.89
N LYS B 110 8.77 6.75 -5.63
CA LYS B 110 8.11 6.82 -4.33
C LYS B 110 7.21 5.60 -4.12
N SER B 111 6.40 5.27 -5.12
CA SER B 111 5.57 4.06 -5.04
C SER B 111 6.41 2.83 -4.74
N ALA B 112 7.56 2.72 -5.42
CA ALA B 112 8.43 1.56 -5.20
C ALA B 112 8.88 1.49 -3.75
N TYR B 113 9.35 2.62 -3.20
CA TYR B 113 9.79 2.61 -1.80
C TYR B 113 8.65 2.33 -0.82
N GLU B 114 7.41 2.69 -1.16
CA GLU B 114 6.30 2.43 -0.24
C GLU B 114 6.17 0.94 0.07
N ASN B 115 6.63 0.06 -0.83
CA ASN B 115 6.58 -1.37 -0.53
C ASN B 115 7.37 -1.71 0.73
N PHE B 116 8.43 -0.95 1.02
CA PHE B 116 9.25 -1.24 2.18
C PHE B 116 8.44 -1.11 3.48
N ASN B 117 7.41 -0.25 3.49
CA ASN B 117 6.64 -0.01 4.71
C ASN B 117 5.83 -1.21 5.16
N GLN B 118 5.73 -2.24 4.35
CA GLN B 118 5.03 -3.47 4.72
C GLN B 118 5.92 -4.43 5.50
N HIS B 119 7.15 -4.05 5.82
CA HIS B 119 8.11 -4.90 6.52
C HIS B 119 8.78 -4.08 7.61
N GLU B 120 8.86 -4.64 8.82
N GLU B 120 8.85 -4.63 8.83
CA GLU B 120 9.34 -3.84 9.94
CA GLU B 120 9.36 -3.85 9.96
C GLU B 120 10.83 -3.53 9.83
C GLU B 120 10.83 -3.53 9.84
N VAL B 121 11.61 -4.43 9.23
CA VAL B 121 13.05 -4.24 9.06
C VAL B 121 13.48 -4.92 7.77
N LEU B 122 14.34 -4.23 6.99
CA LEU B 122 14.82 -4.73 5.70
C LEU B 122 16.27 -4.38 5.50
N LEU B 123 17.00 -5.28 4.84
CA LEU B 123 18.30 -5.00 4.23
C LEU B 123 18.03 -4.69 2.74
N ALA B 124 18.55 -3.57 2.24
CA ALA B 124 18.12 -3.14 0.92
C ALA B 124 19.22 -2.40 0.17
N PRO B 125 19.16 -2.40 -1.16
CA PRO B 125 19.91 -1.46 -1.99
C PRO B 125 19.09 -0.20 -2.22
N LEU B 126 19.75 0.83 -2.74
CA LEU B 126 19.03 2.02 -3.20
C LEU B 126 18.30 1.71 -4.50
N LEU B 127 16.99 1.91 -4.50
CA LEU B 127 16.18 1.57 -5.65
C LEU B 127 16.47 2.53 -6.81
N SER B 128 16.39 1.99 -8.02
CA SER B 128 16.59 2.70 -9.28
C SER B 128 18.01 3.23 -9.45
N ALA B 129 18.94 2.88 -8.55
CA ALA B 129 20.34 3.29 -8.67
C ALA B 129 21.09 2.37 -9.63
N GLY B 130 22.37 2.71 -9.87
CA GLY B 130 23.26 1.81 -10.59
C GLY B 130 22.77 1.60 -12.00
N ILE B 131 22.63 0.33 -12.38
CA ILE B 131 22.26 0.01 -13.75
C ILE B 131 20.86 0.50 -14.11
N PHE B 132 20.04 0.90 -13.12
CA PHE B 132 18.73 1.49 -13.40
C PHE B 132 18.80 2.98 -13.72
N GLY B 133 19.93 3.66 -13.48
CA GLY B 133 20.18 4.98 -14.07
C GLY B 133 19.69 6.20 -13.31
N ALA B 134 19.02 6.06 -12.17
CA ALA B 134 18.60 7.24 -11.41
C ALA B 134 19.78 7.77 -10.59
N ASP B 135 19.68 9.03 -10.21
CA ASP B 135 20.67 9.63 -9.33
C ASP B 135 20.57 8.98 -7.95
N PRO B 136 21.63 8.31 -7.48
CA PRO B 136 21.52 7.68 -6.15
C PRO B 136 21.24 8.68 -5.04
N ILE B 137 21.67 9.94 -5.18
CA ILE B 137 21.36 10.96 -4.18
C ILE B 137 19.86 11.17 -4.11
N HIS B 138 19.21 11.19 -5.27
CA HIS B 138 17.75 11.30 -5.28
C HIS B 138 17.08 10.06 -4.72
N SER B 139 17.62 8.88 -5.01
CA SER B 139 17.01 7.66 -4.47
C SER B 139 17.07 7.65 -2.96
N LEU B 140 18.19 8.12 -2.39
CA LEU B 140 18.31 8.18 -0.94
C LEU B 140 17.29 9.18 -0.37
N ARG B 141 17.12 10.32 -1.05
CA ARG B 141 16.13 11.32 -0.68
C ARG B 141 14.74 10.71 -0.61
N VAL B 142 14.33 10.05 -1.69
CA VAL B 142 13.00 9.44 -1.71
C VAL B 142 12.88 8.37 -0.63
N CYS B 143 13.93 7.56 -0.44
CA CYS B 143 13.92 6.56 0.62
C CYS B 143 13.61 7.21 1.97
N VAL B 144 14.39 8.22 2.31
CA VAL B 144 14.22 8.86 3.62
C VAL B 144 12.84 9.49 3.76
N ASP B 145 12.31 10.04 2.69
CA ASP B 145 11.04 10.76 2.75
C ASP B 145 9.84 9.82 2.60
N THR B 146 10.06 8.53 2.35
CA THR B 146 8.97 7.60 2.11
C THR B 146 8.94 6.43 3.08
N VAL B 147 10.09 5.85 3.38
CA VAL B 147 10.14 4.65 4.22
C VAL B 147 10.08 5.10 5.67
N ARG B 148 9.20 4.43 6.44
CA ARG B 148 9.06 4.68 7.86
C ARG B 148 9.49 3.49 8.71
N THR B 149 9.59 2.30 8.13
CA THR B 149 10.11 1.12 8.80
C THR B 149 11.63 1.16 8.76
N ASN B 150 12.28 0.19 9.42
CA ASN B 150 13.72 0.25 9.60
C ASN B 150 14.43 -0.32 8.38
N VAL B 151 15.12 0.53 7.64
CA VAL B 151 15.80 0.11 6.42
C VAL B 151 17.31 0.32 6.57
N TYR B 152 18.05 -0.75 6.31
CA TYR B 152 19.50 -0.82 6.36
C TYR B 152 19.99 -0.91 4.91
N LEU B 153 20.57 0.19 4.42
CA LEU B 153 21.01 0.30 3.03
C LEU B 153 22.46 -0.12 2.91
N ALA B 154 22.73 -0.99 1.95
CA ALA B 154 24.08 -1.41 1.60
C ALA B 154 24.49 -0.76 0.29
N VAL B 155 25.63 -0.06 0.32
CA VAL B 155 26.19 0.63 -0.82
C VAL B 155 27.58 0.04 -1.06
N PHE B 156 27.75 -0.60 -2.23
CA PHE B 156 28.97 -1.35 -2.51
C PHE B 156 30.20 -0.45 -2.64
N ASP B 157 30.12 0.60 -3.44
CA ASP B 157 31.29 1.41 -3.73
C ASP B 157 31.54 2.44 -2.61
N LYS B 158 32.72 2.38 -1.94
CA LYS B 158 33.08 3.36 -0.89
C LYS B 158 32.92 4.80 -1.38
N ASN B 159 33.30 5.07 -2.62
CA ASN B 159 33.25 6.45 -3.13
C ASN B 159 31.81 6.92 -3.33
N LEU B 160 30.89 6.04 -3.74
CA LEU B 160 29.48 6.42 -3.78
C LEU B 160 28.91 6.58 -2.37
N TYR B 161 29.28 5.66 -1.46
CA TYR B 161 28.87 5.78 -0.06
C TYR B 161 29.26 7.14 0.50
N ASP B 162 30.52 7.53 0.28
CA ASP B 162 30.99 8.82 0.78
C ASP B 162 30.20 9.98 0.16
N LYS B 163 29.92 9.91 -1.15
CA LYS B 163 29.13 10.96 -1.80
C LYS B 163 27.73 11.04 -1.19
N LEU B 164 27.10 9.89 -0.94
CA LEU B 164 25.76 9.86 -0.33
C LEU B 164 25.77 10.42 1.10
N VAL B 165 26.73 9.98 1.93
CA VAL B 165 26.78 10.39 3.34
C VAL B 165 27.15 11.86 3.44
N SER B 166 28.18 12.25 2.68
CA SER B 166 28.75 13.59 2.83
C SER B 166 27.76 14.65 2.36
N SER B 167 26.88 14.33 1.41
CA SER B 167 25.90 15.26 0.88
C SER B 167 24.51 15.15 1.52
N PHE B 168 24.26 14.17 2.38
CA PHE B 168 22.91 14.02 2.94
C PHE B 168 22.59 15.16 3.90
N LEU B 169 23.60 15.67 4.60
CA LEU B 169 23.45 16.77 5.55
C LEU B 169 24.66 17.71 5.60
C18 QNF C . -23.03 0.48 3.49
C16 QNF C . -22.14 0.42 5.73
C17 QNF C . -23.07 0.01 4.79
C15 QNF C . -21.15 1.28 5.35
C14 QNF C . -20.18 1.73 6.42
C12 QNF C . -18.47 3.36 7.12
C11 QNF C . -17.35 2.36 7.49
C10 QNF C . -17.38 1.22 8.28
C20 QNF C . -25.16 -0.62 2.94
C02 QNF C . -18.61 5.47 5.79
C03 QNF C . -17.74 4.63 6.72
C04 QNF C . -16.46 4.11 6.09
C05 QNF C . -16.18 2.82 6.90
C06 QNF C . -15.00 2.08 7.09
C08 QNF C . -15.05 0.94 7.88
C09 QNF C . -16.22 0.50 8.47
C21 QNF C . -25.27 -0.68 4.45
C24 QNF C . -22.04 1.36 3.10
C25 QNF C . -21.09 1.77 4.04
N13 QNF C . -19.34 2.86 6.11
N19 QNF C . -23.99 0.03 2.52
O01 QNF C . -19.59 6.12 6.28
O07 QNF C . -13.79 2.48 6.53
O22 QNF C . -24.09 -0.91 5.18
O23 QNF C . -25.96 -1.05 2.17
O26 QNF C . -20.15 1.19 7.48
O27 QNF C . -18.38 5.52 4.55
H161 QNF C . -22.19 0.01 6.73
H121 QNF C . -19.05 3.60 7.99
H101 QNF C . -18.32 0.88 8.74
H031 QNF C . -17.50 5.21 7.61
H041 QNF C . -15.67 4.83 6.27
H042 QNF C . -16.62 3.89 5.04
H081 QNF C . -14.16 0.38 8.05
H091 QNF C . -16.22 -0.39 9.08
H211 QNF C . -25.61 0.30 4.79
H212 QNF C . -25.98 -1.45 4.70
H241 QNF C . -22.01 1.70 2.07
H251 QNF C . -20.32 2.46 3.75
H131 QNF C . -19.44 3.28 5.19
H191 QNF C . -23.78 0.12 1.56
H071 QNF C . -13.18 2.68 7.23
C02 QNV D . -17.73 5.10 5.18
C03 QNV D . -17.25 4.22 6.35
C04 QNV D . -16.72 5.03 7.47
C05 QNV D . -17.97 5.42 8.27
C06 QNV D . -18.18 6.47 9.16
C08 QNV D . -19.43 6.64 9.74
C09 QNV D . -20.45 5.73 9.43
C10 QNV D . -20.22 4.69 8.54
C11 QNV D . -18.98 4.53 7.94
C12 QNV D . -18.40 3.47 6.96
C14 QNV D . -20.14 1.77 6.40
C15 QNV D . -21.15 1.29 5.35
C16 QNV D . -22.13 0.41 5.73
C17 QNV D . -23.06 0.00 4.79
C18 QNV D . -23.03 0.47 3.50
C20 QNV D . -25.16 -0.62 2.94
C21 QNV D . -25.27 -0.68 4.45
C24 QNV D . -22.03 1.35 3.10
C25 QNV D . -21.11 1.78 4.04
N13 QNV D . -19.35 2.93 6.05
N19 QNV D . -23.98 0.02 2.53
O01 QNV D . -18.86 5.66 5.23
O07 QNV D . -17.11 7.32 9.44
O22 QNV D . -24.09 -0.93 5.17
O23 QNV D . -25.98 -1.03 2.19
O26 QNV D . -20.06 1.25 7.46
O27 QNV D . -17.00 5.26 4.17
H031 QNV D . -16.51 3.51 6.05
H042 QNV D . -16.26 5.93 7.08
H041 QNV D . -16.07 4.45 8.10
H081 QNV D . -19.61 7.45 10.45
H091 QNV D . -21.42 5.86 9.87
H101 QNV D . -21.02 4.02 8.30
H121 QNV D . -18.03 2.66 7.56
H161 QNV D . -22.19 0.02 6.74
H211 QNV D . -25.60 0.29 4.79
H212 QNV D . -25.98 -1.45 4.71
H241 QNV D . -22.02 1.70 2.07
H251 QNV D . -20.34 2.46 3.74
H131 QNV D . -19.48 3.30 5.15
H191 QNV D . -23.78 0.12 1.56
H071 QNV D . -16.91 7.30 10.36
C02 QNV E . -18.29 5.57 5.66
C03 QNV E . -17.72 4.72 6.81
C04 QNV E . -17.66 5.51 8.07
C05 QNV E . -19.07 5.45 8.65
C06 QNV E . -19.77 6.27 9.55
C08 QNV E . -21.09 5.95 9.89
C09 QNV E . -21.67 4.81 9.33
C10 QNV E . -20.96 4.02 8.44
C11 QNV E . -19.66 4.32 8.10
C12 QNV E . -18.65 3.59 7.16
C14 QNV E . -20.19 1.78 6.41
C15 QNV E . -21.13 1.28 5.34
C16 QNV E . -22.12 0.42 5.72
C17 QNV E . -23.05 0.00 4.79
C18 QNV E . -23.00 0.45 3.49
C20 QNV E . -25.16 -0.59 2.95
C21 QNV E . -25.27 -0.69 4.45
C24 QNV E . -22.03 1.34 3.09
C25 QNV E . -21.10 1.77 4.03
N13 QNV E . -19.46 3.00 6.14
N19 QNV E . -23.97 0.00 2.52
O01 QNV E . -17.78 6.68 5.36
O07 QNV E . -19.19 7.40 10.13
O22 QNV E . -24.08 -0.92 5.18
O23 QNV E . -25.99 -0.98 2.19
O26 QNV E . -20.14 1.26 7.48
O27 QNV E . -19.28 5.14 5.00
H031 QNV E . -16.73 4.33 6.60
H042 QNV E . -17.42 6.55 7.84
H041 QNV E . -16.97 5.05 8.74
H081 QNV E . -21.66 6.56 10.58
H091 QNV E . -22.67 4.54 9.57
H101 QNV E . -21.41 3.14 8.00
H121 QNV E . -18.10 2.84 7.69
H161 QNV E . -22.18 0.03 6.73
H211 QNV E . -25.87 -1.55 4.64
H212 QNV E . -25.74 0.22 4.84
H241 QNV E . -22.02 1.69 2.06
H251 QNV E . -20.33 2.46 3.74
H131 QNV E . -19.57 3.41 5.24
H191 QNV E . -23.77 0.12 1.56
H071 QNV E . -19.03 7.24 11.05
#